data_2Z7B
#
_entry.id   2Z7B
#
_cell.length_a   71.960
_cell.length_b   71.960
_cell.length_c   90.360
_cell.angle_alpha   90.00
_cell.angle_beta   90.00
_cell.angle_gamma   90.00
#
_symmetry.space_group_name_H-M   'I 4'
#
loop_
_entity.id
_entity.type
_entity.pdbx_description
1 polymer 'Mlr6791 protein'
2 non-polymer 'MANGANESE (II) ION'
3 water water
#
_entity_poly.entity_id   1
_entity_poly.type   'polypeptide(L)'
_entity_poly.pdbx_seq_one_letter_code
;(MSE)GSHHHHHHDITSLYKKAGSAAAVLEENLYFQGSFT(MSE)RRKVFEELVTATKILLNEGI(MSE)DTFGHISARD
PEDPASFFLAQKLAPSLITVDDIQRFNLDGETSDNRPSYLERYIHSEIYKTRPDVQCVLHTHSPAVLPYCFVDTPLRPVT
H(MSE)GAFIGESVPVYEIRDKHGDETDLFGGSPDVCADIAESLGSQTVVL(MSE)ARHGVVNVGKSVREVVFRAFYLEQ
EAAALTAGLKIGNVKYLSPGEIKTAGKLVGAQIDRGWNHWSQRLRQAGLA
;
_entity_poly.pdbx_strand_id   A
#
# COMPACT_ATOMS: atom_id res chain seq x y z
N SER A 34 22.34 -10.42 -11.96
CA SER A 34 22.33 -10.30 -10.47
C SER A 34 22.18 -8.84 -10.06
N PHE A 35 23.23 -8.05 -10.29
CA PHE A 35 23.19 -6.63 -9.94
C PHE A 35 22.35 -5.90 -10.98
N THR A 36 22.30 -6.47 -12.18
CA THR A 36 21.52 -5.89 -13.27
C THR A 36 20.04 -6.04 -12.92
N ARG A 38 18.76 -6.61 -9.98
CA ARG A 38 18.49 -5.88 -8.75
C ARG A 38 18.20 -4.41 -9.04
N ARG A 39 18.95 -3.85 -9.99
CA ARG A 39 18.77 -2.46 -10.38
C ARG A 39 17.39 -2.25 -10.98
N LYS A 40 16.88 -3.27 -11.68
CA LYS A 40 15.56 -3.20 -12.29
C LYS A 40 14.47 -3.09 -11.23
N VAL A 41 14.64 -3.82 -10.13
CA VAL A 41 13.67 -3.80 -9.04
C VAL A 41 13.73 -2.43 -8.36
N PHE A 42 14.93 -1.89 -8.26
CA PHE A 42 15.11 -0.59 -7.65
C PHE A 42 14.44 0.48 -8.50
N GLU A 43 14.65 0.39 -9.81
CA GLU A 43 14.06 1.35 -10.74
C GLU A 43 12.53 1.33 -10.64
N GLU A 44 11.95 0.14 -10.54
CA GLU A 44 10.49 0.03 -10.46
C GLU A 44 9.95 0.68 -9.18
N LEU A 45 10.67 0.54 -8.08
CA LEU A 45 10.24 1.14 -6.82
C LEU A 45 10.27 2.67 -6.93
N VAL A 46 11.30 3.18 -7.59
CA VAL A 46 11.42 4.62 -7.77
C VAL A 46 10.28 5.09 -8.66
N THR A 47 10.03 4.36 -9.74
CA THR A 47 8.96 4.72 -10.66
C THR A 47 7.63 4.70 -9.94
N ALA A 48 7.37 3.63 -9.19
CA ALA A 48 6.12 3.51 -8.46
C ALA A 48 5.95 4.71 -7.52
N THR A 49 7.03 5.11 -6.85
CA THR A 49 6.99 6.26 -5.96
C THR A 49 6.58 7.52 -6.73
N LYS A 50 7.22 7.74 -7.88
CA LYS A 50 6.92 8.90 -8.72
C LYS A 50 5.47 8.89 -9.18
N ILE A 51 5.00 7.72 -9.62
CA ILE A 51 3.61 7.58 -10.06
C ILE A 51 2.63 7.91 -8.95
N LEU A 52 2.84 7.31 -7.78
CA LEU A 52 1.94 7.54 -6.65
C LEU A 52 1.92 9.00 -6.22
N LEU A 53 3.06 9.68 -6.34
CA LEU A 53 3.13 11.08 -5.99
C LEU A 53 2.41 11.93 -7.05
N ASN A 54 2.66 11.64 -8.32
CA ASN A 54 2.05 12.39 -9.42
C ASN A 54 0.54 12.17 -9.51
N GLU A 55 0.07 11.00 -9.11
CA GLU A 55 -1.36 10.70 -9.15
C GLU A 55 -2.07 11.10 -7.86
N GLY A 56 -1.34 11.72 -6.94
CA GLY A 56 -1.95 12.18 -5.71
C GLY A 56 -2.32 11.11 -4.69
N ILE A 57 -1.68 9.96 -4.77
CA ILE A 57 -1.96 8.88 -3.84
C ILE A 57 -1.04 9.01 -2.62
N ASP A 59 1.88 11.00 -0.21
CA ASP A 59 2.19 12.31 0.36
C ASP A 59 3.66 12.33 0.75
N THR A 60 4.07 13.38 1.46
CA THR A 60 5.45 13.50 1.91
C THR A 60 5.77 12.26 2.75
N PHE A 61 4.77 11.80 3.49
CA PHE A 61 4.94 10.62 4.32
C PHE A 61 4.23 9.45 3.68
N GLY A 62 5.02 8.49 3.24
CA GLY A 62 4.51 7.30 2.60
C GLY A 62 5.70 6.59 2.01
N HIS A 63 5.59 5.29 1.83
CA HIS A 63 6.70 4.54 1.26
C HIS A 63 6.27 3.18 0.75
N ILE A 64 6.97 2.70 -0.27
CA ILE A 64 6.65 1.42 -0.88
C ILE A 64 7.89 0.53 -0.86
N SER A 65 7.68 -0.77 -0.62
CA SER A 65 8.79 -1.72 -0.56
C SER A 65 8.53 -2.91 -1.48
N ALA A 66 9.56 -3.71 -1.68
CA ALA A 66 9.46 -4.88 -2.51
C ALA A 66 10.30 -6.01 -1.93
N ARG A 67 9.73 -7.21 -1.89
CA ARG A 67 10.44 -8.36 -1.38
C ARG A 67 11.52 -8.69 -2.42
N ASP A 68 12.74 -8.95 -1.96
CA ASP A 68 13.82 -9.29 -2.87
C ASP A 68 13.39 -10.53 -3.65
N PRO A 69 13.23 -10.41 -4.97
CA PRO A 69 12.81 -11.55 -5.80
C PRO A 69 13.86 -12.66 -5.85
N GLU A 70 15.04 -12.38 -5.31
CA GLU A 70 16.13 -13.33 -5.29
C GLU A 70 16.24 -13.98 -3.91
N ASP A 71 15.71 -13.29 -2.91
CA ASP A 71 15.74 -13.79 -1.54
C ASP A 71 14.55 -13.32 -0.72
N PRO A 72 13.57 -14.21 -0.49
CA PRO A 72 12.36 -13.92 0.28
C PRO A 72 12.59 -13.42 1.71
N ALA A 73 13.76 -13.70 2.26
CA ALA A 73 14.06 -13.26 3.62
C ALA A 73 14.47 -11.79 3.65
N SER A 74 14.49 -11.18 2.47
CA SER A 74 14.87 -9.77 2.37
C SER A 74 13.88 -8.94 1.55
N PHE A 75 13.87 -7.64 1.82
CA PHE A 75 13.00 -6.73 1.08
C PHE A 75 13.71 -5.39 0.95
N PHE A 76 13.29 -4.61 -0.04
CA PHE A 76 13.91 -3.32 -0.31
C PHE A 76 13.02 -2.14 0.04
N LEU A 77 13.62 -1.10 0.61
CA LEU A 77 12.89 0.09 1.03
C LEU A 77 13.84 1.28 1.08
N ALA A 78 13.39 2.43 0.59
CA ALA A 78 14.21 3.62 0.56
C ALA A 78 14.53 4.16 1.94
N GLN A 79 15.71 4.74 2.09
CA GLN A 79 16.11 5.33 3.36
C GLN A 79 15.15 6.47 3.65
N LYS A 80 15.11 6.90 4.91
CA LYS A 80 14.23 7.97 5.33
C LYS A 80 14.53 9.30 4.61
N LEU A 81 13.78 9.58 3.55
CA LEU A 81 13.96 10.79 2.76
C LEU A 81 12.64 11.25 2.15
N ALA A 82 12.63 12.48 1.61
CA ALA A 82 11.43 13.00 0.97
C ALA A 82 11.19 12.12 -0.26
N PRO A 83 9.96 11.61 -0.44
CA PRO A 83 9.62 10.75 -1.57
C PRO A 83 10.06 11.29 -2.93
N SER A 84 9.90 12.60 -3.12
CA SER A 84 10.25 13.26 -4.37
C SER A 84 11.75 13.25 -4.67
N LEU A 85 12.57 12.87 -3.68
CA LEU A 85 14.02 12.85 -3.86
C LEU A 85 14.62 11.44 -3.93
N ILE A 86 13.78 10.42 -3.80
CA ILE A 86 14.27 9.04 -3.84
C ILE A 86 14.81 8.59 -5.20
N THR A 87 16.01 8.02 -5.18
CA THR A 87 16.64 7.50 -6.39
C THR A 87 16.99 6.04 -6.14
N VAL A 88 17.49 5.36 -7.16
CA VAL A 88 17.85 3.96 -7.01
C VAL A 88 18.96 3.80 -5.97
N ASP A 89 19.79 4.83 -5.80
CA ASP A 89 20.88 4.77 -4.84
C ASP A 89 20.45 5.00 -3.39
N ASP A 90 19.15 5.18 -3.19
CA ASP A 90 18.61 5.40 -1.85
C ASP A 90 17.92 4.17 -1.26
N ILE A 91 17.83 3.10 -2.04
CA ILE A 91 17.17 1.89 -1.57
C ILE A 91 18.04 1.07 -0.61
N GLN A 92 17.44 0.66 0.50
CA GLN A 92 18.15 -0.13 1.50
C GLN A 92 17.67 -1.58 1.49
N ARG A 93 18.51 -2.45 2.04
CA ARG A 93 18.19 -3.88 2.13
C ARG A 93 17.86 -4.18 3.58
N PHE A 94 16.70 -4.79 3.80
CA PHE A 94 16.25 -5.15 5.15
C PHE A 94 15.98 -6.64 5.26
N ASN A 95 16.07 -7.17 6.48
CA ASN A 95 15.78 -8.58 6.72
C ASN A 95 14.33 -8.62 7.21
N LEU A 96 13.79 -9.81 7.44
CA LEU A 96 12.41 -9.91 7.90
C LEU A 96 12.22 -9.41 9.33
N ASP A 97 13.30 -8.90 9.92
CA ASP A 97 13.23 -8.37 11.28
C ASP A 97 13.24 -6.84 11.20
N GLY A 98 13.30 -6.34 9.97
CA GLY A 98 13.30 -4.90 9.76
C GLY A 98 14.62 -4.21 10.07
N GLU A 99 15.73 -4.93 9.91
CA GLU A 99 17.04 -4.36 10.19
C GLU A 99 17.93 -4.37 8.96
N THR A 100 18.78 -3.36 8.84
CA THR A 100 19.68 -3.22 7.70
C THR A 100 21.12 -2.92 8.10
N SER A 101 22.05 -3.35 7.25
CA SER A 101 23.47 -3.10 7.48
C SER A 101 23.78 -1.68 7.01
N ASP A 102 22.87 -1.13 6.20
CA ASP A 102 23.02 0.23 5.68
C ASP A 102 23.16 1.18 6.87
N ASN A 103 24.13 2.08 6.78
CA ASN A 103 24.38 3.05 7.84
C ASN A 103 23.47 4.26 7.81
N ARG A 104 22.68 4.38 6.75
CA ARG A 104 21.78 5.52 6.60
C ARG A 104 20.46 5.34 7.36
N PRO A 105 19.85 6.45 7.78
CA PRO A 105 18.58 6.44 8.52
C PRO A 105 17.48 5.73 7.73
N SER A 106 16.63 4.97 8.43
CA SER A 106 15.55 4.24 7.79
C SER A 106 14.19 4.73 8.30
N TYR A 107 13.14 4.34 7.59
CA TYR A 107 11.80 4.72 7.98
C TYR A 107 11.44 4.00 9.28
N LEU A 108 10.79 4.71 10.19
CA LEU A 108 10.42 4.15 11.48
C LEU A 108 9.34 3.09 11.31
N GLU A 109 8.52 3.24 10.28
CA GLU A 109 7.43 2.32 10.01
C GLU A 109 7.83 1.17 9.09
N ARG A 110 9.13 0.90 9.01
CA ARG A 110 9.63 -0.18 8.17
C ARG A 110 9.11 -1.53 8.69
N TYR A 111 8.78 -1.57 9.97
CA TYR A 111 8.27 -2.78 10.60
C TYR A 111 6.91 -3.18 10.03
N ILE A 112 6.21 -2.22 9.44
CA ILE A 112 4.91 -2.50 8.84
C ILE A 112 5.13 -3.43 7.67
N HIS A 113 6.19 -3.17 6.91
CA HIS A 113 6.51 -3.98 5.76
C HIS A 113 7.02 -5.38 6.14
N SER A 114 8.02 -5.42 7.01
CA SER A 114 8.61 -6.69 7.43
C SER A 114 7.59 -7.66 8.01
N GLU A 115 6.84 -7.20 9.01
CA GLU A 115 5.86 -8.05 9.65
C GLU A 115 4.84 -8.64 8.68
N ILE A 116 4.51 -7.90 7.63
CA ILE A 116 3.55 -8.40 6.65
C ILE A 116 4.18 -9.43 5.72
N TYR A 117 5.44 -9.20 5.34
CA TYR A 117 6.12 -10.13 4.44
C TYR A 117 6.31 -11.51 5.07
N LYS A 118 6.57 -11.54 6.37
CA LYS A 118 6.77 -12.82 7.06
C LYS A 118 5.45 -13.54 7.30
N THR A 119 4.38 -12.78 7.43
CA THR A 119 3.05 -13.35 7.67
C THR A 119 2.36 -13.69 6.36
N ARG A 120 2.72 -12.97 5.29
CA ARG A 120 2.11 -13.19 3.99
C ARG A 120 3.16 -13.47 2.92
N PRO A 121 3.55 -14.75 2.76
CA PRO A 121 4.54 -15.17 1.77
C PRO A 121 4.15 -14.81 0.34
N ASP A 122 2.85 -14.74 0.09
CA ASP A 122 2.33 -14.41 -1.23
C ASP A 122 2.54 -12.94 -1.61
N VAL A 123 2.67 -12.08 -0.61
CA VAL A 123 2.87 -10.65 -0.82
C VAL A 123 4.31 -10.36 -1.25
N GLN A 124 4.46 -9.57 -2.31
CA GLN A 124 5.79 -9.21 -2.83
C GLN A 124 6.03 -7.71 -2.75
N CYS A 125 4.99 -6.96 -2.39
CA CYS A 125 5.10 -5.51 -2.29
C CYS A 125 4.11 -4.99 -1.26
N VAL A 126 4.55 -4.00 -0.49
CA VAL A 126 3.75 -3.38 0.54
C VAL A 126 3.86 -1.86 0.41
N LEU A 127 2.72 -1.18 0.45
CA LEU A 127 2.69 0.28 0.34
C LEU A 127 1.92 0.92 1.50
N HIS A 128 2.48 1.98 2.05
CA HIS A 128 1.85 2.69 3.14
C HIS A 128 1.70 4.15 2.71
N THR A 129 0.49 4.71 2.88
CA THR A 129 0.21 6.09 2.52
C THR A 129 -0.92 6.64 3.39
N HIS A 130 -1.25 7.90 3.16
CA HIS A 130 -2.34 8.55 3.87
C HIS A 130 -3.27 9.03 2.76
N SER A 131 -3.48 8.15 1.77
CA SER A 131 -4.32 8.42 0.60
C SER A 131 -5.56 9.22 1.01
N PRO A 132 -5.66 10.48 0.54
CA PRO A 132 -6.73 11.46 0.79
C PRO A 132 -8.16 10.97 0.91
N ALA A 133 -8.70 10.41 -0.17
CA ALA A 133 -10.08 9.92 -0.18
C ALA A 133 -10.32 8.76 0.76
N VAL A 134 -9.29 7.93 0.93
CA VAL A 134 -9.40 6.76 1.79
C VAL A 134 -9.28 7.13 3.28
N LEU A 135 -8.42 8.11 3.55
CA LEU A 135 -8.16 8.53 4.92
C LEU A 135 -9.35 8.62 5.88
N PRO A 136 -10.47 9.25 5.46
CA PRO A 136 -11.64 9.36 6.34
C PRO A 136 -12.16 8.01 6.88
N TYR A 137 -12.04 6.97 6.06
CA TYR A 137 -12.50 5.63 6.45
C TYR A 137 -11.64 5.07 7.59
N CYS A 138 -10.50 5.72 7.85
CA CYS A 138 -9.62 5.32 8.94
C CYS A 138 -10.17 5.82 10.27
N PHE A 139 -11.13 6.74 10.26
CA PHE A 139 -11.68 7.21 11.52
C PHE A 139 -13.20 7.33 11.65
N VAL A 140 -13.94 6.61 10.81
CA VAL A 140 -15.40 6.61 10.89
C VAL A 140 -15.91 5.18 10.95
N ASP A 141 -17.14 4.98 11.42
CA ASP A 141 -17.67 3.62 11.52
C ASP A 141 -18.01 3.00 10.16
N THR A 142 -18.43 3.84 9.22
CA THR A 142 -18.78 3.37 7.89
C THR A 142 -17.67 2.58 7.21
N PRO A 143 -17.94 1.31 6.86
CA PRO A 143 -16.92 0.49 6.22
C PRO A 143 -16.71 0.81 4.74
N LEU A 144 -15.48 0.65 4.27
CA LEU A 144 -15.18 0.89 2.88
C LEU A 144 -15.45 -0.40 2.13
N ARG A 145 -16.56 -0.42 1.41
CA ARG A 145 -17.00 -1.58 0.63
C ARG A 145 -17.00 -1.28 -0.87
N PRO A 146 -16.78 -2.30 -1.72
CA PRO A 146 -16.76 -2.11 -3.17
C PRO A 146 -18.08 -1.60 -3.73
N VAL A 147 -18.01 -0.60 -4.62
CA VAL A 147 -19.19 -0.03 -5.24
C VAL A 147 -19.11 -0.07 -6.77
N THR A 148 -17.93 -0.37 -7.31
CA THR A 148 -17.74 -0.51 -8.75
C THR A 148 -16.82 -1.72 -8.95
N HIS A 149 -16.79 -2.25 -10.16
CA HIS A 149 -15.96 -3.40 -10.47
C HIS A 149 -14.48 -3.13 -10.19
N GLY A 151 -13.23 -1.79 -7.72
CA GLY A 151 -12.92 -1.91 -6.32
C GLY A 151 -13.09 -3.33 -5.78
N ALA A 152 -13.50 -4.24 -6.66
CA ALA A 152 -13.74 -5.64 -6.28
C ALA A 152 -12.58 -6.30 -5.52
N PHE A 153 -11.35 -5.89 -5.82
CA PHE A 153 -10.18 -6.48 -5.16
C PHE A 153 -10.18 -6.26 -3.64
N ILE A 154 -11.00 -5.33 -3.17
CA ILE A 154 -11.10 -5.04 -1.74
C ILE A 154 -11.65 -6.22 -0.95
N GLY A 155 -12.59 -6.94 -1.53
CA GLY A 155 -13.22 -8.05 -0.82
C GLY A 155 -14.47 -7.46 -0.20
N GLU A 156 -15.00 -8.10 0.83
CA GLU A 156 -16.21 -7.61 1.49
C GLU A 156 -16.09 -6.16 1.93
N SER A 157 -15.00 -5.85 2.63
CA SER A 157 -14.73 -4.51 3.10
C SER A 157 -13.28 -4.44 3.57
N VAL A 158 -12.75 -3.23 3.68
CA VAL A 158 -11.37 -3.07 4.12
C VAL A 158 -11.30 -3.19 5.65
N PRO A 159 -10.49 -4.14 6.15
CA PRO A 159 -10.39 -4.31 7.60
C PRO A 159 -9.75 -3.09 8.25
N VAL A 160 -10.15 -2.81 9.49
CA VAL A 160 -9.60 -1.67 10.22
C VAL A 160 -8.84 -2.11 11.47
N TYR A 161 -7.55 -1.80 11.50
CA TYR A 161 -6.71 -2.12 12.66
C TYR A 161 -6.88 -1.02 13.69
N GLU A 162 -7.28 -1.39 14.91
CA GLU A 162 -7.48 -0.43 15.99
C GLU A 162 -6.49 -0.68 17.12
N ILE A 163 -5.49 0.18 17.21
CA ILE A 163 -4.45 0.06 18.22
C ILE A 163 -4.96 0.08 19.65
N ARG A 164 -6.11 0.73 19.87
CA ARG A 164 -6.69 0.82 21.21
C ARG A 164 -7.15 -0.54 21.74
N ASP A 165 -7.53 -1.44 20.84
CA ASP A 165 -7.99 -2.77 21.24
C ASP A 165 -7.06 -3.51 22.17
N LYS A 166 -5.75 -3.38 21.93
CA LYS A 166 -4.76 -4.07 22.75
C LYS A 166 -3.77 -3.16 23.43
N HIS A 167 -3.75 -1.88 23.07
CA HIS A 167 -2.78 -0.97 23.67
C HIS A 167 -3.33 0.32 24.31
N GLY A 168 -4.64 0.41 24.48
CA GLY A 168 -5.20 1.60 25.11
C GLY A 168 -5.24 2.82 24.20
N ASP A 169 -5.75 3.93 24.73
CA ASP A 169 -5.87 5.16 23.96
C ASP A 169 -4.88 6.25 24.36
N GLU A 170 -3.60 5.89 24.48
CA GLU A 170 -2.57 6.84 24.84
C GLU A 170 -1.33 6.64 23.99
N THR A 171 -1.48 5.88 22.91
CA THR A 171 -0.37 5.57 22.02
C THR A 171 -0.16 6.68 20.97
N ASP A 172 0.91 6.55 20.19
CA ASP A 172 1.22 7.54 19.16
C ASP A 172 0.61 7.18 17.81
N LEU A 173 -0.21 6.13 17.80
CA LEU A 173 -0.89 5.68 16.59
C LEU A 173 0.04 5.18 15.49
N PHE A 174 1.35 5.26 15.73
CA PHE A 174 2.35 4.84 14.77
C PHE A 174 2.56 3.32 14.75
N GLY A 175 3.23 2.86 13.69
CA GLY A 175 3.53 1.45 13.56
C GLY A 175 5.04 1.31 13.64
N GLY A 176 5.62 1.73 14.76
CA GLY A 176 7.06 1.67 14.92
C GLY A 176 7.57 0.59 15.86
N SER A 177 7.08 -0.64 15.70
CA SER A 177 7.51 -1.75 16.53
C SER A 177 6.93 -3.05 15.98
N PRO A 178 7.72 -4.13 16.01
CA PRO A 178 7.32 -5.45 15.51
C PRO A 178 6.01 -5.99 16.10
N ASP A 179 5.83 -5.82 17.41
CA ASP A 179 4.63 -6.31 18.08
C ASP A 179 3.37 -5.59 17.59
N VAL A 180 3.43 -4.26 17.53
CA VAL A 180 2.30 -3.47 17.07
C VAL A 180 2.05 -3.81 15.61
N CYS A 181 3.12 -3.78 14.81
CA CYS A 181 3.00 -4.08 13.40
C CYS A 181 2.59 -5.53 13.18
N ALA A 182 2.77 -6.37 14.19
CA ALA A 182 2.38 -7.76 14.09
C ALA A 182 0.85 -7.82 14.14
N ASP A 183 0.27 -6.96 14.97
CA ASP A 183 -1.18 -6.90 15.09
C ASP A 183 -1.77 -6.34 13.80
N ILE A 184 -1.03 -5.43 13.17
CA ILE A 184 -1.51 -4.86 11.93
C ILE A 184 -1.60 -5.97 10.88
N ALA A 185 -0.57 -6.80 10.78
CA ALA A 185 -0.59 -7.90 9.83
C ALA A 185 -1.75 -8.81 10.17
N GLU A 186 -1.96 -8.98 11.48
CA GLU A 186 -3.03 -9.81 12.02
C GLU A 186 -4.38 -9.31 11.49
N SER A 187 -4.65 -8.02 11.66
CA SER A 187 -5.90 -7.42 11.19
C SER A 187 -6.02 -7.53 9.68
N LEU A 188 -4.89 -7.42 8.99
CA LEU A 188 -4.89 -7.52 7.53
C LEU A 188 -5.35 -8.92 7.14
N GLY A 189 -4.92 -9.92 7.92
CA GLY A 189 -5.30 -11.28 7.61
C GLY A 189 -4.84 -11.67 6.23
N SER A 190 -5.78 -12.12 5.41
CA SER A 190 -5.47 -12.54 4.04
C SER A 190 -6.02 -11.58 3.00
N GLN A 191 -6.47 -10.41 3.45
CA GLN A 191 -7.04 -9.43 2.52
C GLN A 191 -6.00 -8.62 1.74
N THR A 192 -6.48 -7.71 0.89
CA THR A 192 -5.61 -6.89 0.05
C THR A 192 -5.27 -5.52 0.61
N VAL A 193 -6.07 -5.07 1.57
CA VAL A 193 -5.87 -3.76 2.17
C VAL A 193 -6.21 -3.77 3.64
N VAL A 194 -5.62 -2.85 4.38
CA VAL A 194 -5.92 -2.71 5.80
C VAL A 194 -5.75 -1.25 6.20
N LEU A 195 -6.68 -0.75 6.99
CA LEU A 195 -6.61 0.62 7.45
C LEU A 195 -6.12 0.67 8.88
N ALA A 197 -6.39 2.76 12.01
CA ALA A 197 -7.24 3.81 12.58
C ALA A 197 -6.54 5.11 12.94
N ARG A 198 -7.12 6.22 12.49
CA ARG A 198 -6.59 7.54 12.74
C ARG A 198 -5.14 7.67 12.27
N HIS A 199 -4.76 6.89 11.27
CA HIS A 199 -3.39 6.92 10.80
C HIS A 199 -3.21 6.91 9.29
N GLY A 200 -3.48 5.76 8.67
CA GLY A 200 -3.31 5.68 7.23
C GLY A 200 -3.75 4.37 6.63
N VAL A 201 -3.24 4.09 5.43
CA VAL A 201 -3.62 2.90 4.70
C VAL A 201 -2.43 2.04 4.26
N VAL A 202 -2.65 0.73 4.22
CA VAL A 202 -1.61 -0.19 3.79
C VAL A 202 -2.16 -1.07 2.67
N ASN A 203 -1.46 -1.06 1.54
CA ASN A 203 -1.84 -1.85 0.36
C ASN A 203 -0.81 -2.97 0.14
N VAL A 204 -1.28 -4.16 -0.16
CA VAL A 204 -0.37 -5.28 -0.43
C VAL A 204 -0.73 -5.91 -1.78
N GLY A 205 0.19 -6.71 -2.31
CA GLY A 205 -0.05 -7.35 -3.59
C GLY A 205 1.12 -8.23 -3.99
N LYS A 206 0.98 -8.92 -5.12
CA LYS A 206 2.02 -9.84 -5.59
C LYS A 206 3.10 -9.19 -6.45
N SER A 207 2.97 -7.89 -6.70
CA SER A 207 3.97 -7.18 -7.49
C SER A 207 3.84 -5.68 -7.24
N VAL A 208 4.92 -4.96 -7.49
CA VAL A 208 4.90 -3.51 -7.29
C VAL A 208 3.80 -2.92 -8.18
N ARG A 209 3.74 -3.37 -9.43
CA ARG A 209 2.73 -2.87 -10.36
C ARG A 209 1.31 -3.11 -9.86
N GLU A 210 1.09 -4.26 -9.22
CA GLU A 210 -0.24 -4.57 -8.70
C GLU A 210 -0.61 -3.66 -7.55
N VAL A 211 0.34 -3.42 -6.66
CA VAL A 211 0.06 -2.55 -5.51
C VAL A 211 -0.21 -1.12 -5.97
N VAL A 212 0.52 -0.65 -6.96
CA VAL A 212 0.31 0.71 -7.48
C VAL A 212 -1.09 0.80 -8.09
N PHE A 213 -1.44 -0.21 -8.88
CA PHE A 213 -2.75 -0.24 -9.52
C PHE A 213 -3.86 -0.22 -8.45
N ARG A 214 -3.73 -1.13 -7.48
CA ARG A 214 -4.71 -1.22 -6.41
C ARG A 214 -4.80 0.05 -5.56
N ALA A 215 -3.65 0.66 -5.27
CA ALA A 215 -3.65 1.89 -4.47
C ALA A 215 -4.38 3.00 -5.21
N PHE A 216 -4.17 3.07 -6.52
CA PHE A 216 -4.82 4.10 -7.32
C PHE A 216 -6.32 3.90 -7.34
N TYR A 217 -6.77 2.67 -7.58
CA TYR A 217 -8.20 2.44 -7.64
C TYR A 217 -8.90 2.39 -6.29
N LEU A 218 -8.15 2.14 -5.22
CA LEU A 218 -8.73 2.14 -3.89
C LEU A 218 -9.12 3.60 -3.63
N GLU A 219 -8.22 4.51 -4.01
CA GLU A 219 -8.47 5.94 -3.83
C GLU A 219 -9.69 6.39 -4.62
N GLN A 220 -9.82 5.93 -5.87
CA GLN A 220 -10.96 6.33 -6.70
C GLN A 220 -12.25 5.73 -6.17
N GLU A 221 -12.17 4.50 -5.66
CA GLU A 221 -13.34 3.82 -5.12
C GLU A 221 -13.85 4.53 -3.87
N ALA A 222 -12.94 4.93 -2.99
CA ALA A 222 -13.32 5.62 -1.76
C ALA A 222 -13.94 6.97 -2.11
N ALA A 223 -13.38 7.64 -3.10
CA ALA A 223 -13.92 8.93 -3.52
C ALA A 223 -15.35 8.74 -4.02
N ALA A 224 -15.57 7.70 -4.81
CA ALA A 224 -16.88 7.42 -5.37
C ALA A 224 -17.92 7.11 -4.30
N LEU A 225 -17.57 6.23 -3.37
CA LEU A 225 -18.49 5.86 -2.30
C LEU A 225 -18.85 7.08 -1.45
N THR A 226 -17.85 7.91 -1.14
CA THR A 226 -18.08 9.10 -0.34
C THR A 226 -19.10 10.00 -1.03
N ALA A 227 -18.92 10.21 -2.33
CA ALA A 227 -19.84 11.05 -3.09
C ALA A 227 -21.23 10.42 -3.06
N GLY A 228 -21.27 9.12 -3.33
CA GLY A 228 -22.54 8.40 -3.34
C GLY A 228 -23.33 8.46 -2.06
N LEU A 229 -22.65 8.33 -0.93
CA LEU A 229 -23.33 8.35 0.36
C LEU A 229 -24.14 9.62 0.57
N LYS A 230 -23.71 10.72 -0.04
CA LYS A 230 -24.47 11.95 0.13
C LYS A 230 -25.40 12.29 -1.03
N ILE A 231 -25.45 11.42 -2.04
CA ILE A 231 -26.33 11.62 -3.20
C ILE A 231 -27.61 10.80 -3.01
N GLY A 232 -27.47 9.61 -2.44
CA GLY A 232 -28.63 8.77 -2.23
C GLY A 232 -28.27 7.46 -1.56
N ASN A 233 -29.14 6.48 -1.67
CA ASN A 233 -28.89 5.16 -1.07
C ASN A 233 -28.01 4.36 -2.00
N VAL A 234 -26.92 3.84 -1.44
CA VAL A 234 -25.94 3.08 -2.18
C VAL A 234 -26.30 1.59 -2.32
N LYS A 235 -26.21 1.07 -3.54
CA LYS A 235 -26.46 -0.35 -3.79
C LYS A 235 -25.07 -0.90 -4.09
N TYR A 236 -24.49 -1.59 -3.10
CA TYR A 236 -23.14 -2.13 -3.20
C TYR A 236 -23.00 -3.38 -4.08
N LEU A 237 -21.75 -3.72 -4.39
CA LEU A 237 -21.48 -4.92 -5.17
C LEU A 237 -21.86 -6.08 -4.27
N SER A 238 -22.36 -7.15 -4.87
CA SER A 238 -22.76 -8.34 -4.13
C SER A 238 -21.52 -9.19 -3.88
N PRO A 239 -21.59 -10.12 -2.91
CA PRO A 239 -20.43 -10.97 -2.65
C PRO A 239 -20.06 -11.72 -3.93
N GLY A 240 -21.07 -12.07 -4.70
CA GLY A 240 -20.86 -12.78 -5.96
C GLY A 240 -20.11 -11.97 -6.99
N GLU A 241 -20.45 -10.70 -7.11
CA GLU A 241 -19.79 -9.81 -8.05
C GLU A 241 -18.38 -9.49 -7.56
N ILE A 242 -18.21 -9.42 -6.25
CA ILE A 242 -16.91 -9.16 -5.68
C ILE A 242 -15.95 -10.29 -6.04
N LYS A 243 -16.44 -11.52 -5.97
CA LYS A 243 -15.65 -12.70 -6.30
C LYS A 243 -15.33 -12.78 -7.79
N THR A 244 -16.34 -12.60 -8.62
CA THR A 244 -16.16 -12.67 -10.06
C THR A 244 -15.41 -11.49 -10.66
N ALA A 245 -15.79 -10.26 -10.29
CA ALA A 245 -15.14 -9.07 -10.82
C ALA A 245 -13.73 -8.89 -10.30
N GLY A 246 -13.47 -9.35 -9.07
CA GLY A 246 -12.15 -9.21 -8.49
C GLY A 246 -11.12 -10.14 -9.12
N LYS A 247 -11.49 -10.77 -10.23
CA LYS A 247 -10.59 -11.68 -10.92
C LYS A 247 -10.23 -11.21 -12.32
N LEU A 248 -10.89 -10.16 -12.79
CA LEU A 248 -10.63 -9.62 -14.11
C LEU A 248 -9.51 -8.58 -14.09
N VAL A 249 -8.87 -8.43 -12.93
CA VAL A 249 -7.78 -7.47 -12.79
C VAL A 249 -6.51 -8.12 -13.37
N GLY A 250 -6.56 -8.46 -14.65
CA GLY A 250 -5.42 -9.08 -15.30
C GLY A 250 -4.54 -8.13 -16.08
N ALA A 251 -4.63 -8.17 -17.41
CA ALA A 251 -3.83 -7.31 -18.27
C ALA A 251 -4.03 -5.83 -17.94
N GLN A 252 -5.04 -5.56 -17.12
CA GLN A 252 -5.34 -4.20 -16.70
C GLN A 252 -4.18 -3.57 -15.94
N ILE A 253 -3.56 -4.34 -15.06
CA ILE A 253 -2.44 -3.85 -14.26
C ILE A 253 -1.38 -3.14 -15.09
N ASP A 254 -0.93 -3.78 -16.16
CA ASP A 254 0.11 -3.19 -17.00
C ASP A 254 -0.36 -1.99 -17.81
N ARG A 255 -1.61 -1.99 -18.25
CA ARG A 255 -2.11 -0.87 -19.01
C ARG A 255 -2.05 0.37 -18.10
N GLY A 256 -2.48 0.18 -16.86
CA GLY A 256 -2.47 1.28 -15.91
C GLY A 256 -1.05 1.77 -15.69
N TRP A 257 -0.12 0.84 -15.49
CA TRP A 257 1.28 1.20 -15.27
C TRP A 257 1.85 2.00 -16.43
N ASN A 258 1.54 1.56 -17.66
CA ASN A 258 2.05 2.25 -18.83
C ASN A 258 1.43 3.64 -18.95
N HIS A 259 0.15 3.74 -18.61
CA HIS A 259 -0.56 5.02 -18.66
C HIS A 259 0.07 6.01 -17.68
N TRP A 260 0.14 5.63 -16.41
CA TRP A 260 0.73 6.51 -15.41
C TRP A 260 2.20 6.80 -15.71
N SER A 261 2.89 5.84 -16.31
CA SER A 261 4.30 6.05 -16.65
C SER A 261 4.39 7.10 -17.73
N GLN A 262 3.50 7.01 -18.71
CA GLN A 262 3.47 7.98 -19.81
C GLN A 262 3.14 9.36 -19.24
N ARG A 263 2.20 9.40 -18.31
CA ARG A 263 1.81 10.66 -17.69
C ARG A 263 3.01 11.29 -16.99
N LEU A 264 3.92 10.47 -16.47
CA LEU A 264 5.12 10.99 -15.82
C LEU A 264 6.03 11.66 -16.85
N ARG A 265 6.14 11.04 -18.04
CA ARG A 265 6.98 11.61 -19.09
C ARG A 265 6.39 12.93 -19.55
N GLN A 266 5.07 12.97 -19.68
CA GLN A 266 4.37 14.18 -20.11
C GLN A 266 4.66 15.34 -19.15
N ALA A 267 4.74 15.03 -17.86
CA ALA A 267 5.00 16.05 -16.85
C ALA A 267 6.48 16.32 -16.65
N GLY A 268 7.32 15.58 -17.36
CA GLY A 268 8.76 15.78 -17.24
C GLY A 268 9.31 15.33 -15.89
N LEU A 269 8.59 14.40 -15.25
CA LEU A 269 9.00 13.90 -13.95
C LEU A 269 9.84 12.63 -14.10
N ALA A 270 10.51 12.50 -15.24
CA ALA A 270 11.34 11.34 -15.52
C ALA A 270 10.47 10.11 -15.71
#